data_3D3W
#
_entry.id   3D3W
#
_cell.length_a   73.678
_cell.length_b   87.476
_cell.length_c   72.168
_cell.angle_alpha   90.00
_cell.angle_beta   90.00
_cell.angle_gamma   90.00
#
_symmetry.space_group_name_H-M   'P 21 21 2'
#
loop_
_entity.id
_entity.type
_entity.pdbx_description
1 polymer 'L-xylulose reductase'
2 polymer 'L-xylulose reductase'
3 non-polymer 'NADP NICOTINAMIDE-ADENINE-DINUCLEOTIDE PHOSPHATE'
4 non-polymer 'PHOSPHATE ION'
5 water water
#
loop_
_entity_poly.entity_id
_entity_poly.type
_entity_poly.pdbx_seq_one_letter_code
_entity_poly.pdbx_strand_id
1 'polypeptide(L)'
;MELFLAGRRVLVTGAGKGIGRGTVQALHATGARVVAVSRTQADLDSLVRECPGIEPVCVDLGDWEATERALGSVGPVDLL
VNNAAVALLQPFLEVTKEAFDRSFEVNLRAVIQVSQIVARGLIARGVPGAIVNVSSQ(CSO)SQRAVTNHSVYCSTKGAL
DMLTKVMALELGPHKIRVNAVNPTVVMTSMGQATWSDPHKAKTMLNRIPLGKFAEVEHVVNAILFLLSDRSGMTTGSTLP
VEGGFWAC
;
A
2 'polypeptide(L)'
;MELFLAGRRVLVTGAGKGIGRGTVQALHATGARVVAVSRTQADLDSLVRECPGIEPVCVDLGDWEATERALGSVGPVDLL
VNNAAVALLQPFLEVTKEAFDRSFEVNLRAVIQVSQIVARGLIARGVPGAIVNVSSQCSQRAVTNHSVYCSTKGALDMLT
KVMALELGPHKIRVNAVNPTVVMTSMGQATWSDPHKAKTMLNRIPLGKFAEVEHVVNAILFLLSDRSGMTTGSTLPVEGG
FWAC
;
B
#
loop_
_chem_comp.id
_chem_comp.type
_chem_comp.name
_chem_comp.formula
NAP non-polymer 'NADP NICOTINAMIDE-ADENINE-DINUCLEOTIDE PHOSPHATE' 'C21 H28 N7 O17 P3'
PO4 non-polymer 'PHOSPHATE ION' 'O4 P -3'
#
# COMPACT_ATOMS: atom_id res chain seq x y z
N MET A 1 4.05 29.87 9.92
CA MET A 1 3.44 28.95 10.92
C MET A 1 4.45 28.64 12.03
N GLU A 2 4.23 29.19 13.23
CA GLU A 2 5.13 28.88 14.35
C GLU A 2 4.93 27.46 14.86
N LEU A 3 6.01 26.69 14.86
CA LEU A 3 5.98 25.29 15.24
C LEU A 3 6.13 25.07 16.75
N PHE A 4 6.48 26.13 17.47
CA PHE A 4 6.72 26.12 18.93
C PHE A 4 7.76 25.07 19.34
N LEU A 5 8.86 25.07 18.61
CA LEU A 5 10.02 24.23 18.90
C LEU A 5 11.12 24.96 19.69
N ALA A 6 11.08 26.29 19.66
CA ALA A 6 12.06 27.08 20.37
C ALA A 6 12.12 26.68 21.88
N GLY A 7 13.35 26.56 22.39
CA GLY A 7 13.62 26.20 23.80
C GLY A 7 13.40 24.75 24.24
N ARG A 8 12.76 23.95 23.40
CA ARG A 8 12.51 22.53 23.76
C ARG A 8 13.77 21.65 23.55
N ARG A 9 13.91 20.59 24.34
CA ARG A 9 15.13 19.77 24.28
C ARG A 9 14.89 18.59 23.37
N VAL A 10 15.70 18.51 22.30
CA VAL A 10 15.55 17.53 21.23
C VAL A 10 16.77 16.59 21.09
N LEU A 11 16.55 15.30 21.14
CA LEU A 11 17.65 14.38 20.85
C LEU A 11 17.57 13.86 19.38
N VAL A 12 18.68 13.91 18.69
CA VAL A 12 18.74 13.47 17.32
C VAL A 12 19.80 12.39 17.23
N THR A 13 19.42 11.21 16.74
CA THR A 13 20.43 10.12 16.53
C THR A 13 20.87 10.13 15.08
N GLY A 14 22.03 9.55 14.78
CA GLY A 14 22.70 9.68 13.47
C GLY A 14 22.87 11.13 13.06
N ALA A 15 23.27 11.96 14.02
CA ALA A 15 23.40 13.41 13.81
C ALA A 15 24.67 13.81 12.97
N GLY A 16 25.60 12.86 12.75
CA GLY A 16 26.91 13.16 12.15
C GLY A 16 26.85 13.58 10.69
N LYS A 17 25.88 13.03 9.97
CA LYS A 17 25.85 13.15 8.50
C LYS A 17 24.42 13.31 8.03
N GLY A 18 24.26 13.71 6.75
CA GLY A 18 22.99 13.65 5.99
C GLY A 18 21.79 14.22 6.72
N ILE A 19 20.68 13.47 6.75
CA ILE A 19 19.43 13.94 7.35
C ILE A 19 19.53 14.30 8.83
N GLY A 20 20.22 13.47 9.63
CA GLY A 20 20.36 13.75 11.06
C GLY A 20 21.09 15.06 11.26
N ARG A 21 22.14 15.29 10.45
CA ARG A 21 22.92 16.52 10.56
C ARG A 21 22.09 17.75 10.21
N GLY A 22 21.34 17.67 9.12
CA GLY A 22 20.45 18.74 8.68
C GLY A 22 19.40 19.04 9.73
N THR A 23 18.90 17.99 10.38
CA THR A 23 17.89 18.15 11.42
C THR A 23 18.47 18.93 12.61
N VAL A 24 19.71 18.60 13.01
CA VAL A 24 20.37 19.31 14.13
C VAL A 24 20.55 20.78 13.71
N GLN A 25 21.01 20.99 12.48
CA GLN A 25 21.21 22.36 11.98
C GLN A 25 19.90 23.20 12.04
N ALA A 26 18.79 22.65 11.53
CA ALA A 26 17.48 23.33 11.55
C ALA A 26 16.97 23.61 12.95
N LEU A 27 17.17 22.66 13.86
CA LEU A 27 16.67 22.79 15.22
C LEU A 27 17.44 23.83 16.00
N HIS A 28 18.76 23.82 15.81
CA HIS A 28 19.69 24.80 16.40
C HIS A 28 19.38 26.21 15.91
N ALA A 29 19.07 26.32 14.61
CA ALA A 29 18.67 27.58 14.01
C ALA A 29 17.35 28.14 14.60
N THR A 30 16.37 27.28 14.89
CA THR A 30 15.09 27.73 15.43
C THR A 30 15.08 27.94 16.97
N GLY A 31 16.24 27.75 17.60
CA GLY A 31 16.40 27.95 19.04
C GLY A 31 16.12 26.75 19.93
N ALA A 32 16.01 25.55 19.36
CA ALA A 32 15.92 24.32 20.18
C ALA A 32 17.26 23.97 20.82
N ARG A 33 17.22 23.33 21.98
CA ARG A 33 18.41 22.74 22.61
C ARG A 33 18.55 21.31 22.07
N VAL A 34 19.71 20.95 21.57
CA VAL A 34 19.86 19.67 20.86
C VAL A 34 20.89 18.71 21.52
N VAL A 35 20.48 17.45 21.69
CA VAL A 35 21.43 16.40 22.00
C VAL A 35 21.68 15.63 20.68
N ALA A 36 22.93 15.70 20.22
CA ALA A 36 23.36 15.15 18.90
C ALA A 36 24.12 13.87 19.18
N VAL A 37 23.53 12.75 18.76
CA VAL A 37 24.07 11.44 19.01
C VAL A 37 24.51 10.82 17.68
N SER A 38 25.75 10.33 17.61
CA SER A 38 26.29 9.72 16.36
C SER A 38 27.56 8.84 16.64
N ARG A 39 27.94 8.02 15.66
CA ARG A 39 28.97 6.99 15.83
C ARG A 39 30.42 7.55 15.76
N THR A 40 30.62 8.59 14.96
CA THR A 40 31.98 9.06 14.62
C THR A 40 32.29 10.41 15.24
N GLN A 41 33.32 10.46 16.09
CA GLN A 41 33.68 11.69 16.81
C GLN A 41 33.90 12.93 15.93
N ALA A 42 34.58 12.73 14.80
CA ALA A 42 34.95 13.87 13.95
C ALA A 42 33.72 14.61 13.41
N ASP A 43 32.63 13.85 13.16
CA ASP A 43 31.37 14.39 12.65
C ASP A 43 30.71 15.28 13.71
N LEU A 44 30.73 14.80 14.96
CA LEU A 44 30.23 15.60 16.07
C LEU A 44 31.09 16.84 16.41
N ASP A 45 32.41 16.70 16.34
CA ASP A 45 33.32 17.85 16.53
C ASP A 45 33.00 19.02 15.61
N SER A 46 32.86 18.73 14.31
CA SER A 46 32.57 19.77 13.32
C SER A 46 31.16 20.34 13.48
N LEU A 47 30.22 19.49 13.83
CA LEU A 47 28.86 19.92 14.08
C LEU A 47 28.76 20.91 15.24
N VAL A 48 29.46 20.63 16.32
CA VAL A 48 29.44 21.52 17.50
C VAL A 48 30.06 22.89 17.18
N ARG A 49 31.08 22.93 16.32
CA ARG A 49 31.65 24.18 15.80
C ARG A 49 30.61 24.97 14.99
N GLU A 50 29.91 24.29 14.08
CA GLU A 50 28.81 24.87 13.30
C GLU A 50 27.62 25.29 14.15
N CYS A 51 27.33 24.52 15.19
CA CYS A 51 26.12 24.73 15.99
C CYS A 51 26.46 24.78 17.48
N PRO A 52 27.10 25.89 17.90
CA PRO A 52 27.59 25.95 19.29
C PRO A 52 26.46 25.79 20.29
N GLY A 53 26.69 24.96 21.30
CA GLY A 53 25.70 24.73 22.35
C GLY A 53 25.02 23.37 22.32
N ILE A 54 25.09 22.69 21.18
CA ILE A 54 24.53 21.31 21.07
C ILE A 54 25.38 20.35 21.95
N GLU A 55 24.72 19.34 22.53
CA GLU A 55 25.44 18.38 23.38
C GLU A 55 25.76 17.12 22.58
N PRO A 56 27.04 16.95 22.19
CA PRO A 56 27.46 15.80 21.42
C PRO A 56 27.52 14.53 22.30
N VAL A 57 27.02 13.41 21.78
CA VAL A 57 27.20 12.11 22.44
C VAL A 57 27.70 11.11 21.39
N CYS A 58 28.95 10.69 21.51
CA CYS A 58 29.55 9.75 20.56
C CYS A 58 29.39 8.32 21.07
N VAL A 59 28.58 7.55 20.36
CA VAL A 59 28.29 6.19 20.78
C VAL A 59 27.83 5.35 19.60
N ASP A 60 28.23 4.09 19.60
CA ASP A 60 27.65 3.13 18.68
C ASP A 60 26.29 2.57 19.18
N LEU A 61 25.21 3.04 18.54
CA LEU A 61 23.84 2.71 18.95
C LEU A 61 23.45 1.26 18.67
N GLY A 62 24.26 0.54 17.93
CA GLY A 62 24.07 -0.92 17.81
C GLY A 62 24.45 -1.69 19.08
N ASP A 63 25.08 -1.00 20.04
CA ASP A 63 25.57 -1.58 21.31
C ASP A 63 24.60 -1.18 22.42
N TRP A 64 23.68 -2.10 22.76
CA TRP A 64 22.63 -1.88 23.81
C TRP A 64 23.26 -1.38 25.13
N GLU A 65 24.27 -2.13 25.57
CA GLU A 65 24.90 -1.84 26.85
C GLU A 65 25.58 -0.48 26.81
N ALA A 66 26.27 -0.18 25.70
CA ALA A 66 27.00 1.10 25.60
C ALA A 66 26.03 2.29 25.44
N THR A 67 24.91 2.05 24.75
CA THR A 67 23.84 3.03 24.59
C THR A 67 23.23 3.47 25.94
N GLU A 68 22.82 2.47 26.74
CA GLU A 68 22.29 2.68 28.07
C GLU A 68 23.23 3.56 28.95
N ARG A 69 24.52 3.23 28.92
CA ARG A 69 25.55 3.96 29.66
C ARG A 69 25.75 5.40 29.15
N ALA A 70 25.81 5.57 27.83
CA ALA A 70 25.96 6.88 27.21
C ALA A 70 24.71 7.78 27.31
N LEU A 71 23.50 7.20 27.30
CA LEU A 71 22.26 8.02 27.27
C LEU A 71 21.57 8.00 28.62
N GLY A 72 22.28 7.33 29.54
CA GLY A 72 22.14 7.46 31.00
C GLY A 72 21.63 8.75 31.58
N SER A 73 22.51 9.72 31.80
CA SER A 73 22.10 11.01 32.36
C SER A 73 22.01 12.07 31.28
N VAL A 74 21.20 11.78 30.26
CA VAL A 74 21.03 12.68 29.15
C VAL A 74 20.27 13.93 29.61
N GLY A 75 19.33 13.72 30.54
CA GLY A 75 18.53 14.82 31.08
C GLY A 75 17.13 14.88 30.48
N PRO A 76 16.41 15.99 30.75
CA PRO A 76 15.07 16.02 30.19
C PRO A 76 15.19 16.14 28.68
N VAL A 77 14.43 15.31 27.98
CA VAL A 77 14.33 15.37 26.53
C VAL A 77 12.85 15.38 26.19
N ASP A 78 12.45 16.40 25.46
CA ASP A 78 11.05 16.61 25.13
C ASP A 78 10.65 15.92 23.79
N LEU A 79 11.62 15.85 22.87
CA LEU A 79 11.35 15.51 21.45
C LEU A 79 12.49 14.60 20.96
N LEU A 80 12.17 13.62 20.09
CA LEU A 80 13.15 12.61 19.69
C LEU A 80 13.07 12.34 18.18
N VAL A 81 14.22 12.36 17.53
CA VAL A 81 14.32 11.98 16.13
C VAL A 81 15.27 10.80 16.03
N ASN A 82 14.72 9.62 15.74
CA ASN A 82 15.47 8.38 15.51
C ASN A 82 15.88 8.33 14.02
N ASN A 83 17.12 8.66 13.72
CA ASN A 83 17.56 8.76 12.32
C ASN A 83 18.71 7.82 11.95
N ALA A 84 19.55 7.50 12.93
CA ALA A 84 20.61 6.47 12.72
C ALA A 84 20.14 5.15 12.10
N ALA A 85 20.81 4.80 11.03
CA ALA A 85 20.57 3.55 10.35
C ALA A 85 21.78 3.13 9.51
N VAL A 86 21.86 1.83 9.22
CA VAL A 86 22.86 1.32 8.25
C VAL A 86 22.12 0.67 7.07
N ALA A 87 22.66 0.85 5.85
CA ALA A 87 22.17 0.15 4.64
C ALA A 87 23.20 -0.88 4.18
N LEU A 88 23.04 -2.12 4.65
CA LEU A 88 23.98 -3.19 4.31
C LEU A 88 23.33 -3.98 3.20
N LEU A 89 23.75 -3.70 1.97
CA LEU A 89 23.06 -4.24 0.80
C LEU A 89 23.70 -5.54 0.35
N GLN A 90 22.87 -6.56 0.23
CA GLN A 90 23.31 -7.87 -0.24
C GLN A 90 22.15 -8.48 -0.96
N PRO A 91 22.43 -9.21 -2.09
CA PRO A 91 21.41 -10.00 -2.75
C PRO A 91 20.79 -10.94 -1.74
N PHE A 92 19.48 -11.18 -1.83
CA PHE A 92 18.82 -12.13 -0.89
C PHE A 92 19.62 -13.42 -0.60
N LEU A 93 20.07 -14.09 -1.66
CA LEU A 93 20.73 -15.37 -1.52
C LEU A 93 22.14 -15.21 -0.98
N GLU A 94 22.58 -13.97 -0.80
CA GLU A 94 23.88 -13.67 -0.15
C GLU A 94 23.81 -13.01 1.21
N VAL A 95 22.60 -12.87 1.74
CA VAL A 95 22.46 -12.21 3.04
C VAL A 95 23.20 -13.05 4.08
N THR A 96 23.89 -12.37 4.98
CA THR A 96 24.68 -13.05 6.01
C THR A 96 24.06 -12.76 7.35
N LYS A 97 24.21 -13.73 8.28
CA LYS A 97 23.85 -13.56 9.68
C LYS A 97 24.37 -12.21 10.24
N GLU A 98 25.64 -11.86 9.98
CA GLU A 98 26.26 -10.64 10.50
C GLU A 98 25.60 -9.36 9.98
N ALA A 99 25.27 -9.33 8.70
CA ALA A 99 24.64 -8.14 8.13
C ALA A 99 23.20 -8.03 8.65
N PHE A 100 22.49 -9.15 8.74
CA PHE A 100 21.15 -9.09 9.36
C PHE A 100 21.20 -8.52 10.80
N ASP A 101 22.09 -9.09 11.63
CA ASP A 101 22.16 -8.74 13.05
C ASP A 101 22.49 -7.28 13.21
N ARG A 102 23.52 -6.81 12.51
CA ARG A 102 23.97 -5.41 12.59
C ARG A 102 22.81 -4.47 12.18
N SER A 103 22.16 -4.78 11.09
CA SER A 103 21.07 -3.91 10.55
C SER A 103 19.93 -3.77 11.57
N PHE A 104 19.50 -4.90 12.14
CA PHE A 104 18.39 -4.83 13.13
C PHE A 104 18.78 -4.20 14.46
N GLU A 105 20.04 -4.39 14.88
CA GLU A 105 20.57 -3.74 16.10
C GLU A 105 20.54 -2.20 16.00
N VAL A 106 21.00 -1.68 14.86
CA VAL A 106 21.03 -0.23 14.62
C VAL A 106 19.66 0.34 14.22
N ASN A 107 19.02 -0.27 13.23
CA ASN A 107 17.85 0.35 12.53
C ASN A 107 16.57 0.20 13.34
N LEU A 108 16.56 -0.72 14.27
CA LEU A 108 15.31 -1.05 14.99
C LEU A 108 15.45 -1.20 16.49
N ARG A 109 16.39 -2.04 16.93
CA ARG A 109 16.62 -2.19 18.36
C ARG A 109 16.99 -0.85 19.07
N ALA A 110 17.89 -0.10 18.46
CA ALA A 110 18.29 1.20 18.96
C ALA A 110 17.07 2.17 18.99
N VAL A 111 16.19 2.10 17.99
CA VAL A 111 14.94 2.89 18.00
C VAL A 111 14.16 2.52 19.28
N ILE A 112 14.00 1.23 19.54
CA ILE A 112 13.37 0.84 20.80
C ILE A 112 14.05 1.45 22.04
N GLN A 113 15.34 1.29 22.13
CA GLN A 113 16.06 1.63 23.37
C GLN A 113 16.09 3.15 23.61
N VAL A 114 16.47 3.91 22.58
CA VAL A 114 16.51 5.35 22.72
C VAL A 114 15.11 5.92 23.03
N SER A 115 14.10 5.34 22.40
CA SER A 115 12.69 5.85 22.53
C SER A 115 12.20 5.52 23.95
N GLN A 116 12.52 4.32 24.43
CA GLN A 116 12.27 3.96 25.85
C GLN A 116 12.86 4.99 26.82
N ILE A 117 14.15 5.31 26.65
CA ILE A 117 14.83 6.28 27.54
C ILE A 117 14.10 7.65 27.55
N VAL A 118 13.85 8.19 26.35
CA VAL A 118 13.07 9.43 26.16
C VAL A 118 11.63 9.35 26.74
N ALA A 119 10.88 8.28 26.39
CA ALA A 119 9.48 8.12 26.82
C ALA A 119 9.35 8.01 28.31
N ARG A 120 10.26 7.25 28.93
CA ARG A 120 10.25 7.05 30.38
C ARG A 120 10.38 8.37 31.10
N GLY A 121 11.23 9.21 30.53
CA GLY A 121 11.53 10.55 31.01
C GLY A 121 10.34 11.48 30.94
N LEU A 122 9.73 11.53 29.74
CA LEU A 122 8.49 12.28 29.54
C LEU A 122 7.39 11.91 30.53
N ILE A 123 7.11 10.61 30.64
CA ILE A 123 6.10 10.07 31.57
C ILE A 123 6.43 10.40 33.04
N ALA A 124 7.69 10.29 33.43
CA ALA A 124 8.10 10.61 34.82
C ALA A 124 7.86 12.10 35.13
N ARG A 125 8.05 12.94 34.12
CA ARG A 125 7.83 14.36 34.22
C ARG A 125 6.36 14.78 34.02
N GLY A 126 5.50 13.82 33.61
CA GLY A 126 4.10 14.10 33.27
C GLY A 126 3.89 15.10 32.13
N VAL A 127 4.73 15.05 31.11
CA VAL A 127 4.66 16.04 30.04
C VAL A 127 4.54 15.38 28.67
N PRO A 128 3.73 15.98 27.77
CA PRO A 128 3.56 15.42 26.43
C PRO A 128 4.83 15.61 25.59
N GLY A 129 4.96 14.84 24.52
CA GLY A 129 6.14 14.94 23.68
C GLY A 129 5.87 14.25 22.36
N ALA A 130 6.90 14.14 21.54
CA ALA A 130 6.76 13.63 20.19
C ALA A 130 8.07 12.92 19.75
N ILE A 131 7.89 11.86 18.94
CA ILE A 131 8.98 11.04 18.41
C ILE A 131 8.77 10.93 16.91
N VAL A 132 9.84 11.15 16.14
CA VAL A 132 9.81 10.89 14.72
C VAL A 132 10.87 9.83 14.38
N ASN A 133 10.44 8.78 13.69
CA ASN A 133 11.30 7.69 13.20
C ASN A 133 11.57 7.83 11.72
N VAL A 134 12.85 7.88 11.38
CA VAL A 134 13.19 8.08 9.92
C VAL A 134 13.21 6.69 9.31
N SER A 135 12.16 6.43 8.53
CA SER A 135 12.02 5.16 7.81
C SER A 135 12.51 5.40 6.37
N SER A 136 11.75 4.93 5.38
CA SER A 136 12.10 4.94 3.99
C SER A 136 10.95 4.59 3.06
N GLN A 137 11.01 5.11 1.83
CA GLN A 137 10.23 4.61 0.70
C GLN A 137 10.28 3.07 0.66
N CSO A 138 11.47 2.49 0.91
CA CSO A 138 11.74 1.03 0.94
CB CSO A 138 13.27 0.75 1.10
SG CSO A 138 13.89 1.15 -0.52
C CSO A 138 11.01 0.24 2.01
O CSO A 138 11.08 -0.99 2.06
OD CSO A 138 14.11 2.84 -0.83
N SER A 139 10.37 0.96 2.94
CA SER A 139 9.59 0.31 4.01
C SER A 139 8.32 -0.34 3.47
N GLN A 140 7.86 0.09 2.28
CA GLN A 140 6.63 -0.41 1.68
C GLN A 140 6.80 -0.85 0.21
N ARG A 141 8.01 -0.67 -0.35
CA ARG A 141 8.34 -1.11 -1.71
C ARG A 141 9.73 -1.76 -1.75
N ALA A 142 9.77 -2.97 -2.30
CA ALA A 142 10.99 -3.78 -2.35
C ALA A 142 11.93 -3.22 -3.41
N VAL A 143 13.22 -3.30 -3.10
CA VAL A 143 14.30 -2.91 -4.00
C VAL A 143 15.34 -4.03 -4.01
N THR A 144 15.82 -4.40 -5.20
CA THR A 144 16.85 -5.41 -5.31
C THR A 144 18.05 -5.14 -4.37
N ASN A 145 18.51 -6.20 -3.68
CA ASN A 145 19.71 -6.18 -2.76
C ASN A 145 19.41 -5.43 -1.42
N HIS A 146 18.16 -5.08 -1.22
CA HIS A 146 17.74 -4.39 0.01
C HIS A 146 16.84 -5.25 0.90
N SER A 147 16.94 -6.59 0.84
CA SER A 147 16.03 -7.44 1.63
CA SER A 147 16.11 -7.52 1.65
C SER A 147 16.11 -7.10 3.11
N VAL A 148 17.33 -7.01 3.66
CA VAL A 148 17.55 -6.70 5.06
C VAL A 148 17.09 -5.27 5.36
N TYR A 149 17.61 -4.29 4.62
CA TYR A 149 17.27 -2.90 4.83
C TYR A 149 15.76 -2.63 4.70
N CYS A 150 15.13 -3.15 3.63
CA CYS A 150 13.64 -3.06 3.49
C CYS A 150 12.88 -3.70 4.67
N SER A 151 13.33 -4.86 5.12
CA SER A 151 12.72 -5.53 6.29
C SER A 151 12.88 -4.69 7.57
N THR A 152 14.01 -3.99 7.76
CA THR A 152 14.18 -3.13 8.97
C THR A 152 13.17 -1.99 8.94
N LYS A 153 12.94 -1.45 7.73
CA LYS A 153 12.10 -0.28 7.57
C LYS A 153 10.63 -0.61 7.62
N GLY A 154 10.28 -1.77 7.05
CA GLY A 154 8.93 -2.33 7.24
C GLY A 154 8.65 -2.61 8.71
N ALA A 155 9.60 -3.23 9.38
CA ALA A 155 9.50 -3.38 10.84
C ALA A 155 9.33 -2.03 11.56
N LEU A 156 10.11 -1.02 11.14
CA LEU A 156 10.09 0.30 11.76
C LEU A 156 8.73 0.97 11.60
N ASP A 157 8.13 0.81 10.43
CA ASP A 157 6.79 1.35 10.22
C ASP A 157 5.79 0.77 11.27
N MET A 158 5.85 -0.53 11.47
CA MET A 158 4.94 -1.23 12.38
C MET A 158 5.24 -0.88 13.84
N LEU A 159 6.53 -0.86 14.17
CA LEU A 159 7.01 -0.39 15.47
C LEU A 159 6.42 0.97 15.83
N THR A 160 6.46 1.90 14.85
CA THR A 160 5.92 3.25 14.96
C THR A 160 4.44 3.20 15.38
N LYS A 161 3.70 2.27 14.78
CA LYS A 161 2.27 2.06 15.03
C LYS A 161 2.00 1.54 16.46
N VAL A 162 2.76 0.54 16.92
CA VAL A 162 2.58 0.01 18.26
C VAL A 162 2.96 1.07 19.29
N MET A 163 4.10 1.75 19.10
CA MET A 163 4.52 2.85 19.94
C MET A 163 3.43 3.89 20.07
N ALA A 164 2.89 4.32 18.93
CA ALA A 164 1.72 5.26 18.88
C ALA A 164 0.50 4.78 19.73
N LEU A 165 0.16 3.51 19.57
CA LEU A 165 -0.92 2.92 20.34
C LEU A 165 -0.65 3.07 21.86
N GLU A 166 0.49 2.55 22.30
CA GLU A 166 0.81 2.48 23.74
C GLU A 166 1.18 3.82 24.38
N LEU A 167 1.75 4.72 23.60
CA LEU A 167 2.17 6.01 24.16
C LEU A 167 1.13 7.12 23.98
N GLY A 168 0.11 6.87 23.17
CA GLY A 168 -0.97 7.87 22.96
C GLY A 168 -1.64 8.31 24.28
N PRO A 169 -1.96 7.34 25.17
CA PRO A 169 -2.51 7.71 26.51
C PRO A 169 -1.60 8.62 27.32
N HIS A 170 -0.29 8.58 27.07
CA HIS A 170 0.73 9.44 27.74
C HIS A 170 1.00 10.74 26.98
N LYS A 171 0.14 11.03 26.03
CA LYS A 171 0.22 12.22 25.13
C LYS A 171 1.57 12.30 24.40
N ILE A 172 2.08 11.14 23.99
CA ILE A 172 3.33 11.09 23.21
C ILE A 172 2.98 10.61 21.79
N ARG A 173 3.18 11.44 20.77
CA ARG A 173 2.86 11.04 19.39
C ARG A 173 4.09 10.44 18.81
N VAL A 174 3.92 9.49 17.89
CA VAL A 174 5.06 8.75 17.31
C VAL A 174 4.73 8.58 15.82
N ASN A 175 5.57 9.16 14.96
CA ASN A 175 5.33 9.13 13.52
C ASN A 175 6.60 8.72 12.77
N ALA A 176 6.43 8.29 11.53
CA ALA A 176 7.57 7.98 10.69
C ALA A 176 7.55 8.89 9.48
N VAL A 177 8.74 9.20 8.99
CA VAL A 177 8.92 9.83 7.68
CA VAL A 177 8.92 9.84 7.68
C VAL A 177 9.57 8.83 6.74
N ASN A 178 9.16 8.87 5.47
CA ASN A 178 9.61 7.85 4.55
C ASN A 178 10.16 8.47 3.26
N PRO A 179 11.45 8.86 3.30
CA PRO A 179 12.04 9.50 2.12
C PRO A 179 12.45 8.57 1.00
N THR A 180 12.47 9.12 -0.22
CA THR A 180 13.09 8.44 -1.34
C THR A 180 14.60 8.60 -1.18
N VAL A 181 15.36 8.23 -2.21
CA VAL A 181 16.78 8.53 -2.25
C VAL A 181 17.02 10.00 -1.92
N VAL A 182 17.90 10.20 -0.94
CA VAL A 182 18.40 11.51 -0.62
C VAL A 182 19.88 11.41 -0.95
N MET A 183 20.39 12.30 -1.78
CA MET A 183 21.81 12.20 -2.12
C MET A 183 22.66 12.65 -0.92
N THR A 184 23.04 11.62 -0.16
CA THR A 184 23.92 11.70 0.99
C THR A 184 24.87 10.53 0.76
N SER A 185 25.75 10.24 1.72
CA SER A 185 26.69 9.10 1.65
C SER A 185 25.99 7.76 1.40
N MET A 186 24.87 7.54 2.10
CA MET A 186 24.01 6.37 1.88
C MET A 186 23.39 6.39 0.46
N GLY A 187 22.66 7.47 0.17
CA GLY A 187 21.97 7.62 -1.12
C GLY A 187 22.86 7.51 -2.34
N GLN A 188 24.01 8.18 -2.31
CA GLN A 188 24.92 8.18 -3.45
C GLN A 188 26.08 7.18 -3.30
N ALA A 189 25.83 6.11 -2.55
CA ALA A 189 26.70 4.94 -2.59
C ALA A 189 26.30 4.10 -3.82
N THR A 190 25.03 3.72 -3.86
CA THR A 190 24.53 2.76 -4.86
C THR A 190 23.62 3.37 -5.95
N TRP A 191 23.05 4.54 -5.66
CA TRP A 191 22.23 5.27 -6.62
C TRP A 191 23.08 6.32 -7.35
N SER A 192 24.40 6.17 -7.23
CA SER A 192 25.36 7.05 -7.89
C SER A 192 25.53 6.72 -9.38
N ASP A 193 25.20 5.48 -9.76
CA ASP A 193 25.11 5.10 -11.17
C ASP A 193 23.89 5.79 -11.81
N PRO A 194 24.14 6.67 -12.82
CA PRO A 194 23.11 7.51 -13.47
C PRO A 194 21.97 6.75 -14.16
N HIS A 195 22.10 5.43 -14.34
CA HIS A 195 21.02 4.62 -14.91
C HIS A 195 20.35 3.66 -13.91
N LYS A 196 21.04 3.37 -12.80
CA LYS A 196 20.40 2.67 -11.68
C LYS A 196 19.41 3.61 -11.01
N ALA A 197 19.83 4.86 -10.85
CA ALA A 197 18.98 5.94 -10.40
C ALA A 197 17.95 6.34 -11.46
N LYS A 198 18.27 6.10 -12.74
CA LYS A 198 17.38 6.48 -13.85
C LYS A 198 16.04 5.77 -13.82
N THR A 199 16.06 4.45 -13.60
CA THR A 199 14.82 3.65 -13.53
C THR A 199 13.92 4.15 -12.38
N MET A 200 14.52 4.39 -11.21
CA MET A 200 13.78 4.94 -10.07
C MET A 200 13.24 6.38 -10.33
N LEU A 201 14.07 7.24 -10.93
CA LEU A 201 13.68 8.62 -11.24
C LEU A 201 12.44 8.66 -12.13
N ASN A 202 12.40 7.77 -13.14
CA ASN A 202 11.27 7.63 -14.03
C ASN A 202 9.97 7.28 -13.30
N ARG A 203 10.10 6.64 -12.13
CA ARG A 203 8.94 6.29 -11.26
C ARG A 203 8.47 7.34 -10.26
N ILE A 204 9.18 8.46 -10.23
CA ILE A 204 8.91 9.55 -9.32
C ILE A 204 8.22 10.65 -10.11
N PRO A 205 6.90 10.87 -9.87
CA PRO A 205 6.12 11.94 -10.53
C PRO A 205 6.78 13.34 -10.48
N LEU A 206 7.42 13.70 -9.38
CA LEU A 206 8.06 15.02 -9.30
C LEU A 206 9.43 15.04 -10.02
N GLY A 207 9.85 13.88 -10.53
CA GLY A 207 11.03 13.73 -11.38
C GLY A 207 12.34 14.09 -10.73
N LYS A 208 12.43 13.92 -9.41
CA LYS A 208 13.69 14.23 -8.70
C LYS A 208 13.84 13.47 -7.39
N PHE A 209 15.07 13.35 -6.90
CA PHE A 209 15.29 12.80 -5.55
C PHE A 209 15.10 13.90 -4.49
N ALA A 210 14.95 13.46 -3.23
CA ALA A 210 14.72 14.36 -2.11
C ALA A 210 15.98 15.07 -1.62
N GLU A 211 15.84 16.35 -1.29
CA GLU A 211 16.87 17.09 -0.58
C GLU A 211 16.73 16.88 0.93
N VAL A 212 17.85 16.99 1.63
CA VAL A 212 17.82 16.95 3.11
C VAL A 212 16.75 17.92 3.65
N GLU A 213 16.66 19.13 3.08
CA GLU A 213 15.67 20.09 3.58
C GLU A 213 14.22 19.57 3.55
N HIS A 214 13.85 18.81 2.50
CA HIS A 214 12.50 18.20 2.39
C HIS A 214 12.24 17.31 3.58
N VAL A 215 13.22 16.46 3.91
CA VAL A 215 13.01 15.50 5.01
C VAL A 215 12.88 16.27 6.34
N VAL A 216 13.78 17.23 6.56
CA VAL A 216 13.86 17.98 7.81
C VAL A 216 12.55 18.74 8.04
N ASN A 217 12.03 19.36 6.97
CA ASN A 217 10.73 20.07 7.10
C ASN A 217 9.63 19.09 7.61
N ALA A 218 9.58 17.90 7.02
CA ALA A 218 8.56 16.89 7.42
C ALA A 218 8.76 16.48 8.91
N ILE A 219 10.02 16.21 9.29
CA ILE A 219 10.33 15.87 10.68
C ILE A 219 9.84 16.98 11.66
N LEU A 220 10.21 18.23 11.40
CA LEU A 220 9.81 19.37 12.20
C LEU A 220 8.27 19.54 12.36
N PHE A 221 7.56 19.40 11.27
CA PHE A 221 6.10 19.42 11.30
C PHE A 221 5.53 18.30 12.18
N LEU A 222 6.07 17.09 12.05
CA LEU A 222 5.64 15.94 12.88
C LEU A 222 6.08 16.06 14.36
N LEU A 223 7.19 16.74 14.62
CA LEU A 223 7.57 17.02 16.01
C LEU A 223 6.65 18.05 16.67
N SER A 224 6.13 18.98 15.88
CA SER A 224 5.38 20.13 16.42
C SER A 224 3.95 19.78 16.76
N ASP A 225 3.35 20.59 17.65
CA ASP A 225 1.92 20.55 17.95
C ASP A 225 1.01 20.82 16.74
N ARG A 226 1.60 21.31 15.64
CA ARG A 226 0.84 21.48 14.36
C ARG A 226 0.27 20.18 13.81
N SER A 227 0.91 19.06 14.18
CA SER A 227 0.49 17.71 13.74
C SER A 227 -0.12 16.96 14.93
N GLY A 228 -0.82 17.72 15.78
CA GLY A 228 -1.39 17.20 17.01
C GLY A 228 -2.41 16.07 16.99
N MET A 229 -2.93 15.69 15.80
CA MET A 229 -3.81 14.52 15.70
C MET A 229 -3.26 13.46 14.75
N THR A 230 -1.98 13.56 14.51
CA THR A 230 -1.30 12.64 13.64
C THR A 230 -0.37 11.82 14.51
N THR A 231 -0.64 10.52 14.52
CA THR A 231 0.20 9.57 15.22
C THR A 231 0.08 8.19 14.55
N GLY A 232 1.17 7.42 14.56
CA GLY A 232 1.17 6.08 13.95
C GLY A 232 1.26 6.13 12.42
N SER A 233 1.59 7.29 11.87
CA SER A 233 1.62 7.50 10.40
C SER A 233 2.97 7.28 9.79
N THR A 234 2.93 7.17 8.45
CA THR A 234 4.14 7.05 7.63
C THR A 234 4.06 8.11 6.58
N LEU A 235 4.73 9.25 6.81
CA LEU A 235 4.63 10.41 5.92
C LEU A 235 5.64 10.34 4.76
N PRO A 236 5.17 10.08 3.52
CA PRO A 236 6.12 9.91 2.39
C PRO A 236 6.74 11.23 1.96
N VAL A 237 8.09 11.20 1.78
CA VAL A 237 8.87 12.29 1.20
C VAL A 237 9.66 11.70 0.00
N GLU A 238 8.89 11.14 -0.98
CA GLU A 238 9.46 10.37 -2.09
CA GLU A 238 9.42 10.33 -2.10
C GLU A 238 8.93 10.78 -3.47
N GLY A 239 8.48 12.02 -3.55
CA GLY A 239 7.99 12.63 -4.82
C GLY A 239 6.86 11.94 -5.56
N GLY A 240 6.07 11.13 -4.84
CA GLY A 240 4.99 10.32 -5.42
C GLY A 240 5.36 8.90 -5.86
N PHE A 241 6.57 8.42 -5.49
CA PHE A 241 6.99 7.08 -5.83
C PHE A 241 5.93 6.00 -5.41
N TRP A 242 5.40 6.12 -4.19
CA TRP A 242 4.34 5.18 -3.71
C TRP A 242 3.00 5.21 -4.48
N ALA A 243 2.76 6.33 -5.15
CA ALA A 243 1.47 6.57 -5.75
C ALA A 243 1.29 5.79 -7.06
N CYS A 244 2.39 5.35 -7.69
CA CYS A 244 2.23 4.86 -9.07
C CYS A 244 2.99 3.56 -9.40
N MET B 1 -7.90 -30.48 -4.21
CA MET B 1 -8.71 -29.74 -3.18
C MET B 1 -10.11 -29.47 -3.75
N GLU B 2 -11.12 -30.17 -3.23
CA GLU B 2 -12.49 -29.95 -3.71
C GLU B 2 -13.02 -28.63 -3.17
N LEU B 3 -13.50 -27.81 -4.08
CA LEU B 3 -13.99 -26.47 -3.71
C LEU B 3 -15.46 -26.43 -3.27
N PHE B 4 -16.17 -27.53 -3.49
CA PHE B 4 -17.61 -27.66 -3.20
C PHE B 4 -18.45 -26.58 -3.90
N LEU B 5 -18.16 -26.41 -5.18
CA LEU B 5 -18.89 -25.50 -6.07
C LEU B 5 -19.91 -26.22 -6.99
N ALA B 6 -19.74 -27.53 -7.16
CA ALA B 6 -20.74 -28.35 -7.88
C ALA B 6 -22.16 -28.12 -7.33
N GLY B 7 -23.11 -27.91 -8.25
CA GLY B 7 -24.55 -27.74 -7.92
C GLY B 7 -25.03 -26.36 -7.43
N ARG B 8 -24.10 -25.52 -7.00
CA ARG B 8 -24.48 -24.19 -6.50
C ARG B 8 -24.83 -23.26 -7.65
N ARG B 9 -25.66 -22.27 -7.39
CA ARG B 9 -26.07 -21.36 -8.46
C ARG B 9 -25.25 -20.07 -8.43
N VAL B 10 -24.58 -19.79 -9.54
CA VAL B 10 -23.61 -18.69 -9.63
C VAL B 10 -24.01 -17.69 -10.70
N LEU B 11 -24.06 -16.42 -10.34
CA LEU B 11 -24.28 -15.40 -11.34
C LEU B 11 -22.97 -14.68 -11.65
N VAL B 12 -22.67 -14.54 -12.93
CA VAL B 12 -21.46 -13.87 -13.33
C VAL B 12 -21.82 -12.72 -14.30
N THR B 13 -21.38 -11.50 -13.97
CA THR B 13 -21.59 -10.35 -14.84
C THR B 13 -20.40 -10.14 -15.79
N GLY B 14 -20.66 -9.41 -16.87
CA GLY B 14 -19.66 -9.29 -17.96
C GLY B 14 -19.19 -10.67 -18.49
N ALA B 15 -20.14 -11.60 -18.67
CA ALA B 15 -19.85 -12.99 -18.98
C ALA B 15 -19.47 -13.20 -20.46
N GLY B 16 -19.82 -12.23 -21.31
CA GLY B 16 -19.61 -12.25 -22.76
C GLY B 16 -18.20 -12.43 -23.27
N LYS B 17 -17.19 -11.95 -22.52
CA LYS B 17 -15.82 -11.88 -23.00
C LYS B 17 -14.83 -12.03 -21.86
N GLY B 18 -13.57 -12.31 -22.23
CA GLY B 18 -12.42 -12.32 -21.31
C GLY B 18 -12.59 -13.06 -19.99
N ILE B 19 -12.20 -12.41 -18.87
CA ILE B 19 -12.32 -13.02 -17.52
C ILE B 19 -13.71 -13.57 -17.13
N GLY B 20 -14.79 -12.81 -17.36
CA GLY B 20 -16.15 -13.28 -17.04
C GLY B 20 -16.52 -14.52 -17.86
N ARG B 21 -16.19 -14.52 -19.16
CA ARG B 21 -16.35 -15.72 -20.01
C ARG B 21 -15.61 -16.97 -19.51
N GLY B 22 -14.32 -16.79 -19.19
CA GLY B 22 -13.51 -17.82 -18.61
C GLY B 22 -14.08 -18.31 -17.28
N THR B 23 -14.69 -17.40 -16.52
CA THR B 23 -15.25 -17.77 -15.21
C THR B 23 -16.47 -18.66 -15.43
N VAL B 24 -17.35 -18.26 -16.38
CA VAL B 24 -18.48 -19.10 -16.77
C VAL B 24 -18.01 -20.49 -17.23
N GLN B 25 -17.00 -20.50 -18.09
CA GLN B 25 -16.48 -21.74 -18.64
C GLN B 25 -16.01 -22.68 -17.50
N ALA B 26 -15.13 -22.18 -16.61
CA ALA B 26 -14.65 -22.95 -15.47
C ALA B 26 -15.72 -23.50 -14.53
N LEU B 27 -16.72 -22.68 -14.22
CA LEU B 27 -17.79 -23.01 -13.30
C LEU B 27 -18.73 -24.09 -13.88
N HIS B 28 -18.99 -23.97 -15.18
CA HIS B 28 -19.82 -24.89 -15.93
C HIS B 28 -19.11 -26.25 -15.99
N ALA B 29 -17.81 -26.24 -16.27
CA ALA B 29 -17.00 -27.45 -16.24
C ALA B 29 -16.99 -28.20 -14.88
N THR B 30 -17.05 -27.48 -13.76
CA THR B 30 -17.06 -28.07 -12.42
C THR B 30 -18.46 -28.46 -11.93
N GLY B 31 -19.48 -28.21 -12.75
CA GLY B 31 -20.84 -28.57 -12.38
C GLY B 31 -21.70 -27.53 -11.66
N ALA B 32 -21.23 -26.28 -11.59
CA ALA B 32 -22.10 -25.19 -11.08
C ALA B 32 -23.17 -24.86 -12.11
N ARG B 33 -24.31 -24.37 -11.61
CA ARG B 33 -25.39 -23.79 -12.41
C ARG B 33 -25.15 -22.30 -12.54
N VAL B 34 -25.06 -21.80 -13.76
CA VAL B 34 -24.55 -20.43 -13.97
C VAL B 34 -25.60 -19.52 -14.60
N VAL B 35 -25.73 -18.32 -14.07
CA VAL B 35 -26.48 -17.25 -14.71
C VAL B 35 -25.44 -16.30 -15.29
N ALA B 36 -25.39 -16.26 -16.61
CA ALA B 36 -24.43 -15.46 -17.36
C ALA B 36 -25.06 -14.14 -17.81
N VAL B 37 -24.58 -13.00 -17.30
CA VAL B 37 -25.14 -11.69 -17.57
C VAL B 37 -24.10 -10.87 -18.35
N SER B 38 -24.51 -10.28 -19.47
CA SER B 38 -23.59 -9.48 -20.31
C SER B 38 -24.36 -8.61 -21.30
N ARG B 39 -23.66 -7.61 -21.86
CA ARG B 39 -24.28 -6.49 -22.57
C ARG B 39 -24.69 -6.93 -24.00
N THR B 40 -23.89 -7.81 -24.63
CA THR B 40 -24.00 -8.12 -26.08
C THR B 40 -24.56 -9.52 -26.34
N GLN B 41 -25.66 -9.58 -27.09
CA GLN B 41 -26.39 -10.84 -27.26
C GLN B 41 -25.57 -11.94 -27.93
N ALA B 42 -24.84 -11.58 -28.97
CA ALA B 42 -24.01 -12.53 -29.69
C ALA B 42 -23.03 -13.27 -28.78
N ASP B 43 -22.40 -12.57 -27.83
CA ASP B 43 -21.46 -13.16 -26.83
C ASP B 43 -22.16 -14.26 -26.02
N LEU B 44 -23.38 -13.96 -25.61
CA LEU B 44 -24.19 -14.87 -24.81
C LEU B 44 -24.69 -16.07 -25.64
N ASP B 45 -25.11 -15.85 -26.88
CA ASP B 45 -25.52 -16.93 -27.79
C ASP B 45 -24.42 -18.00 -27.93
N SER B 46 -23.21 -17.58 -28.28
CA SER B 46 -22.06 -18.47 -28.44
C SER B 46 -21.66 -19.20 -27.17
N LEU B 47 -21.77 -18.49 -26.04
CA LEU B 47 -21.37 -19.06 -24.75
C LEU B 47 -22.38 -20.18 -24.37
N VAL B 48 -23.68 -19.93 -24.56
CA VAL B 48 -24.67 -21.00 -24.31
C VAL B 48 -24.47 -22.24 -25.23
N ARG B 49 -24.03 -22.05 -26.47
CA ARG B 49 -23.61 -23.18 -27.33
C ARG B 49 -22.40 -23.96 -26.77
N GLU B 50 -21.38 -23.22 -26.33
CA GLU B 50 -20.24 -23.79 -25.60
C GLU B 50 -20.58 -24.42 -24.26
N CYS B 51 -21.53 -23.83 -23.54
CA CYS B 51 -21.79 -24.23 -22.16
C CYS B 51 -23.27 -24.52 -21.90
N PRO B 52 -23.82 -25.59 -22.52
CA PRO B 52 -25.27 -25.78 -22.57
C PRO B 52 -25.84 -25.85 -21.18
N GLY B 53 -26.92 -25.12 -20.95
CA GLY B 53 -27.63 -25.13 -19.67
C GLY B 53 -27.39 -23.93 -18.79
N ILE B 54 -26.48 -23.05 -19.22
CA ILE B 54 -26.29 -21.75 -18.53
C ILE B 54 -27.49 -20.88 -18.88
N GLU B 55 -27.87 -20.01 -17.96
CA GLU B 55 -29.01 -19.10 -18.19
C GLU B 55 -28.54 -17.71 -18.57
N PRO B 56 -28.67 -17.33 -19.87
CA PRO B 56 -28.21 -16.04 -20.36
C PRO B 56 -29.19 -14.96 -19.95
N VAL B 57 -28.67 -13.79 -19.59
CA VAL B 57 -29.45 -12.56 -19.33
C VAL B 57 -28.70 -11.40 -19.99
N CYS B 58 -29.27 -10.89 -21.06
CA CYS B 58 -28.64 -9.82 -21.80
C CYS B 58 -29.18 -8.49 -21.30
N VAL B 59 -28.30 -7.67 -20.71
CA VAL B 59 -28.69 -6.38 -20.15
C VAL B 59 -27.49 -5.44 -20.08
N ASP B 60 -27.76 -4.16 -20.21
CA ASP B 60 -26.79 -3.14 -19.92
C ASP B 60 -26.81 -2.76 -18.46
N LEU B 61 -25.80 -3.25 -17.71
CA LEU B 61 -25.70 -3.04 -16.26
C LEU B 61 -25.47 -1.60 -15.80
N GLY B 62 -25.15 -0.71 -16.73
CA GLY B 62 -25.07 0.73 -16.49
C GLY B 62 -26.47 1.33 -16.27
N ASP B 63 -27.50 0.59 -16.68
CA ASP B 63 -28.90 1.02 -16.57
C ASP B 63 -29.53 0.42 -15.29
N TRP B 64 -29.62 1.22 -14.23
CA TRP B 64 -30.21 0.77 -12.92
C TRP B 64 -31.63 0.17 -13.09
N GLU B 65 -32.49 0.94 -13.74
CA GLU B 65 -33.89 0.53 -13.95
C GLU B 65 -34.00 -0.75 -14.78
N ALA B 66 -33.18 -0.85 -15.82
CA ALA B 66 -33.20 -2.06 -16.66
C ALA B 66 -32.59 -3.26 -15.98
N THR B 67 -31.56 -3.03 -15.16
CA THR B 67 -30.93 -4.13 -14.36
C THR B 67 -31.96 -4.74 -13.39
N GLU B 68 -32.63 -3.88 -12.61
CA GLU B 68 -33.70 -4.27 -11.70
C GLU B 68 -34.74 -5.16 -12.42
N ARG B 69 -35.16 -4.72 -13.59
CA ARG B 69 -36.15 -5.44 -14.40
C ARG B 69 -35.62 -6.79 -14.94
N ALA B 70 -34.41 -6.80 -15.47
CA ALA B 70 -33.78 -8.03 -15.93
C ALA B 70 -33.40 -9.04 -14.83
N LEU B 71 -32.97 -8.57 -13.67
CA LEU B 71 -32.47 -9.49 -12.63
C LEU B 71 -33.49 -9.71 -11.55
N GLY B 72 -34.67 -9.14 -11.80
CA GLY B 72 -35.98 -9.43 -11.17
C GLY B 72 -36.27 -10.83 -10.65
N SER B 73 -36.64 -11.76 -11.52
CA SER B 73 -36.88 -13.13 -11.08
C SER B 73 -35.75 -14.04 -11.52
N VAL B 74 -34.54 -13.67 -11.11
CA VAL B 74 -33.35 -14.46 -11.42
C VAL B 74 -33.39 -15.80 -10.65
N GLY B 75 -33.97 -15.77 -9.45
CA GLY B 75 -34.08 -16.98 -8.62
C GLY B 75 -32.99 -17.08 -7.57
N PRO B 76 -32.87 -18.28 -6.93
CA PRO B 76 -31.83 -18.42 -5.91
C PRO B 76 -30.45 -18.31 -6.56
N VAL B 77 -29.62 -17.44 -6.03
CA VAL B 77 -28.23 -17.30 -6.46
C VAL B 77 -27.45 -17.40 -5.15
N ASP B 78 -26.54 -18.38 -5.10
CA ASP B 78 -25.70 -18.61 -3.93
C ASP B 78 -24.36 -17.86 -3.97
N LEU B 79 -23.87 -17.61 -5.20
CA LEU B 79 -22.52 -17.09 -5.41
C LEU B 79 -22.55 -16.00 -6.49
N LEU B 80 -21.69 -14.98 -6.37
CA LEU B 80 -21.78 -13.82 -7.28
C LEU B 80 -20.41 -13.35 -7.66
N VAL B 81 -20.20 -13.19 -8.96
CA VAL B 81 -18.95 -12.64 -9.49
C VAL B 81 -19.32 -11.37 -10.25
N ASN B 82 -18.97 -10.23 -9.63
CA ASN B 82 -19.11 -8.92 -10.26
C ASN B 82 -17.86 -8.59 -11.11
N ASN B 83 -17.96 -8.84 -12.41
CA ASN B 83 -16.81 -8.72 -13.34
C ASN B 83 -16.99 -7.63 -14.44
N ALA B 84 -18.24 -7.34 -14.85
CA ALA B 84 -18.49 -6.29 -15.84
C ALA B 84 -17.84 -4.97 -15.45
N ALA B 85 -17.14 -4.37 -16.42
CA ALA B 85 -16.53 -3.06 -16.23
C ALA B 85 -16.17 -2.43 -17.58
N VAL B 86 -16.00 -1.11 -17.59
CA VAL B 86 -15.53 -0.38 -18.78
C VAL B 86 -14.23 0.36 -18.41
N ALA B 87 -13.26 0.39 -19.34
CA ALA B 87 -12.04 1.17 -19.14
C ALA B 87 -12.09 2.32 -20.13
N LEU B 88 -12.56 3.48 -19.68
CA LEU B 88 -12.64 4.65 -20.53
C LEU B 88 -11.43 5.51 -20.23
N LEU B 89 -10.45 5.49 -21.13
CA LEU B 89 -9.19 6.14 -20.80
C LEU B 89 -9.11 7.51 -21.39
N GLN B 90 -8.84 8.48 -20.52
CA GLN B 90 -8.62 9.91 -20.89
C GLN B 90 -7.55 10.48 -19.99
N PRO B 91 -6.60 11.31 -20.56
CA PRO B 91 -5.73 12.10 -19.73
C PRO B 91 -6.55 12.85 -18.69
N PHE B 92 -5.98 13.10 -17.52
CA PHE B 92 -6.74 13.77 -16.44
C PHE B 92 -7.44 15.08 -16.85
N LEU B 93 -6.68 15.92 -17.56
CA LEU B 93 -7.18 17.20 -18.00
C LEU B 93 -8.18 17.06 -19.13
N GLU B 94 -8.33 15.85 -19.69
CA GLU B 94 -9.34 15.56 -20.69
C GLU B 94 -10.56 14.77 -20.23
N VAL B 95 -10.57 14.39 -18.94
CA VAL B 95 -11.66 13.64 -18.38
C VAL B 95 -13.00 14.36 -18.64
N THR B 96 -14.00 13.61 -19.10
CA THR B 96 -15.32 14.20 -19.35
C THR B 96 -16.34 13.68 -18.35
N LYS B 97 -17.34 14.53 -18.10
CA LYS B 97 -18.52 14.21 -17.28
C LYS B 97 -19.11 12.86 -17.73
N GLU B 98 -19.27 12.64 -19.06
CA GLU B 98 -19.85 11.45 -19.65
C GLU B 98 -19.04 10.18 -19.36
N ALA B 99 -17.72 10.29 -19.51
CA ALA B 99 -16.84 9.16 -19.24
C ALA B 99 -16.85 8.79 -17.74
N PHE B 100 -16.80 9.80 -16.89
CA PHE B 100 -16.90 9.60 -15.45
C PHE B 100 -18.21 8.88 -15.11
N ASP B 101 -19.35 9.39 -15.64
CA ASP B 101 -20.67 8.89 -15.27
C ASP B 101 -20.80 7.43 -15.65
N ARG B 102 -20.54 7.13 -16.93
CA ARG B 102 -20.56 5.77 -17.47
C ARG B 102 -19.69 4.81 -16.62
N SER B 103 -18.48 5.22 -16.34
CA SER B 103 -17.52 4.37 -15.62
C SER B 103 -18.07 4.01 -14.23
N PHE B 104 -18.53 5.01 -13.51
CA PHE B 104 -19.06 4.74 -12.15
C PHE B 104 -20.39 3.94 -12.13
N GLU B 105 -21.21 4.17 -13.16
CA GLU B 105 -22.48 3.46 -13.32
C GLU B 105 -22.24 1.95 -13.51
N VAL B 106 -21.31 1.57 -14.38
CA VAL B 106 -21.02 0.16 -14.64
C VAL B 106 -20.08 -0.48 -13.59
N ASN B 107 -18.99 0.22 -13.26
CA ASN B 107 -17.87 -0.36 -12.51
C ASN B 107 -18.18 -0.41 -11.05
N LEU B 108 -19.15 0.39 -10.60
CA LEU B 108 -19.40 0.47 -9.16
C LEU B 108 -20.85 0.41 -8.74
N ARG B 109 -21.68 1.26 -9.33
CA ARG B 109 -23.11 1.26 -8.97
C ARG B 109 -23.78 -0.08 -9.32
N ALA B 110 -23.43 -0.65 -10.46
CA ALA B 110 -23.90 -2.01 -10.80
C ALA B 110 -23.40 -3.11 -9.82
N VAL B 111 -22.18 -2.97 -9.34
CA VAL B 111 -21.65 -3.87 -8.28
C VAL B 111 -22.60 -3.79 -7.07
N ILE B 112 -22.96 -2.59 -6.66
CA ILE B 112 -23.96 -2.38 -5.55
C ILE B 112 -25.30 -3.08 -5.89
N GLN B 113 -25.87 -2.77 -7.04
CA GLN B 113 -27.23 -3.18 -7.34
C GLN B 113 -27.30 -4.71 -7.42
N VAL B 114 -26.39 -5.33 -8.20
CA VAL B 114 -26.44 -6.77 -8.43
C VAL B 114 -26.16 -7.51 -7.11
N SER B 115 -25.20 -7.01 -6.35
CA SER B 115 -24.86 -7.53 -4.97
C SER B 115 -26.05 -7.41 -4.00
N GLN B 116 -26.77 -6.28 -4.00
CA GLN B 116 -28.03 -6.15 -3.20
C GLN B 116 -29.03 -7.26 -3.58
N ILE B 117 -29.31 -7.40 -4.88
CA ILE B 117 -30.27 -8.42 -5.39
C ILE B 117 -29.89 -9.83 -4.89
N VAL B 118 -28.64 -10.22 -5.10
CA VAL B 118 -28.17 -11.54 -4.62
C VAL B 118 -28.19 -11.63 -3.08
N ALA B 119 -27.68 -10.62 -2.39
CA ALA B 119 -27.54 -10.62 -0.91
C ALA B 119 -28.91 -10.69 -0.24
N ARG B 120 -29.86 -9.94 -0.77
CA ARG B 120 -31.24 -9.91 -0.21
C ARG B 120 -31.87 -11.28 -0.26
N GLY B 121 -31.55 -12.00 -1.34
CA GLY B 121 -32.04 -13.36 -1.60
C GLY B 121 -31.43 -14.34 -0.63
N LEU B 122 -30.12 -14.23 -0.43
CA LEU B 122 -29.39 -15.06 0.54
C LEU B 122 -29.95 -14.90 1.96
N ILE B 123 -30.19 -13.64 2.35
CA ILE B 123 -30.70 -13.34 3.69
C ILE B 123 -32.14 -13.85 3.87
N ALA B 124 -32.97 -13.66 2.85
CA ALA B 124 -34.37 -14.18 2.87
C ALA B 124 -34.38 -15.70 3.07
N ARG B 125 -33.46 -16.40 2.40
CA ARG B 125 -33.33 -17.86 2.51
C ARG B 125 -32.59 -18.32 3.79
N GLY B 126 -31.86 -17.40 4.41
CA GLY B 126 -31.09 -17.67 5.61
C GLY B 126 -29.93 -18.61 5.37
N VAL B 127 -29.26 -18.45 4.24
CA VAL B 127 -28.15 -19.33 3.85
C VAL B 127 -26.88 -18.49 3.61
N PRO B 128 -25.69 -19.08 3.83
CA PRO B 128 -24.44 -18.37 3.55
C PRO B 128 -24.15 -18.20 2.05
N GLY B 129 -23.26 -17.26 1.72
CA GLY B 129 -22.84 -17.16 0.31
C GLY B 129 -21.56 -16.38 0.23
N ALA B 130 -21.18 -16.05 -1.01
CA ALA B 130 -19.94 -15.40 -1.28
C ALA B 130 -20.06 -14.57 -2.56
N ILE B 131 -19.36 -13.45 -2.52
CA ILE B 131 -19.27 -12.45 -3.61
C ILE B 131 -17.79 -12.17 -3.91
N VAL B 132 -17.44 -12.18 -5.20
CA VAL B 132 -16.14 -11.78 -5.64
C VAL B 132 -16.29 -10.60 -6.59
N ASN B 133 -15.61 -9.52 -6.28
CA ASN B 133 -15.56 -8.33 -7.16
C ASN B 133 -14.24 -8.27 -7.94
N VAL B 134 -14.30 -8.20 -9.25
CA VAL B 134 -13.08 -8.11 -10.02
C VAL B 134 -12.55 -6.67 -10.12
N SER B 135 -11.48 -6.41 -9.38
CA SER B 135 -10.91 -5.13 -9.32
C SER B 135 -9.70 -5.09 -10.27
N SER B 136 -8.62 -4.51 -9.83
CA SER B 136 -7.47 -4.23 -10.67
C SER B 136 -6.22 -3.91 -9.83
N GLN B 137 -5.07 -4.29 -10.34
CA GLN B 137 -3.82 -3.70 -9.98
C GLN B 137 -3.87 -2.16 -9.89
N CYS B 138 -4.59 -1.55 -10.80
CA CYS B 138 -4.90 -0.11 -10.75
C CYS B 138 -5.69 0.24 -9.54
N CSO B 138 -4.59 -1.55 -10.80
CA CSO B 138 -4.90 -0.11 -10.75
CB CSO B 138 -5.62 0.36 -12.01
SG CSO B 138 -4.56 0.27 -13.41
C CSO B 138 -5.69 0.24 -9.54
O CSO B 138 -5.93 1.50 -9.50
OD CSO B 138 -3.98 -1.29 -13.90
N SER B 139 -6.48 -0.58 -8.86
CA SER B 139 -7.07 -0.07 -7.62
C SER B 139 -6.16 0.63 -6.59
N GLN B 140 -4.87 0.40 -6.65
CA GLN B 140 -3.91 0.80 -5.64
C GLN B 140 -2.64 1.40 -6.23
N ARG B 141 -2.53 1.41 -7.56
CA ARG B 141 -1.41 2.09 -8.26
C ARG B 141 -1.89 2.87 -9.47
N ALA B 142 -1.43 4.12 -9.57
CA ALA B 142 -1.94 5.00 -10.60
C ALA B 142 -1.20 4.69 -11.87
N VAL B 143 -1.94 4.80 -12.97
CA VAL B 143 -1.45 4.63 -14.35
C VAL B 143 -1.92 5.84 -15.14
N THR B 144 -1.01 6.49 -15.88
CA THR B 144 -1.42 7.58 -16.81
C THR B 144 -2.67 7.27 -17.65
N ASN B 145 -3.55 8.28 -17.79
CA ASN B 145 -4.81 8.22 -18.57
C ASN B 145 -5.84 7.33 -17.92
N HIS B 146 -5.57 6.90 -16.69
CA HIS B 146 -6.53 5.98 -16.06
C HIS B 146 -7.13 6.63 -14.79
N SER B 147 -7.23 7.96 -14.74
CA SER B 147 -7.76 8.62 -13.53
CA SER B 147 -7.83 8.69 -13.59
C SER B 147 -9.15 8.10 -13.13
N VAL B 148 -10.08 8.08 -14.07
CA VAL B 148 -11.45 7.53 -13.84
C VAL B 148 -11.41 6.03 -13.49
N TYR B 149 -10.76 5.24 -14.34
CA TYR B 149 -10.70 3.79 -14.16
C TYR B 149 -10.08 3.41 -12.79
N CYS B 150 -8.93 4.01 -12.48
CA CYS B 150 -8.24 3.83 -11.20
C CYS B 150 -9.15 4.17 -10.03
N SER B 151 -9.87 5.28 -10.15
CA SER B 151 -10.81 5.73 -9.09
C SER B 151 -11.96 4.75 -8.86
N THR B 152 -12.48 4.14 -9.92
CA THR B 152 -13.59 3.17 -9.82
C THR B 152 -13.10 1.95 -9.06
N LYS B 153 -11.87 1.53 -9.36
CA LYS B 153 -11.28 0.35 -8.75
C LYS B 153 -10.83 0.58 -7.30
N GLY B 154 -10.28 1.76 -7.01
CA GLY B 154 -10.05 2.21 -5.66
C GLY B 154 -11.32 2.31 -4.83
N ALA B 155 -12.35 2.93 -5.39
CA ALA B 155 -13.71 2.83 -4.80
C ALA B 155 -14.17 1.37 -4.59
N LEU B 156 -13.98 0.49 -5.58
CA LEU B 156 -14.45 -0.90 -5.54
C LEU B 156 -13.74 -1.68 -4.43
N ASP B 157 -12.43 -1.49 -4.26
CA ASP B 157 -11.78 -2.05 -3.08
C ASP B 157 -12.43 -1.69 -1.73
N MET B 158 -12.71 -0.41 -1.53
CA MET B 158 -13.35 0.07 -0.30
C MET B 158 -14.82 -0.41 -0.18
N LEU B 159 -15.53 -0.38 -1.28
CA LEU B 159 -16.87 -1.01 -1.37
C LEU B 159 -16.84 -2.46 -0.90
N THR B 160 -15.85 -3.21 -1.37
CA THR B 160 -15.67 -4.64 -0.98
C THR B 160 -15.56 -4.72 0.56
N LYS B 161 -14.85 -3.77 1.12
CA LYS B 161 -14.62 -3.71 2.61
C LYS B 161 -15.89 -3.43 3.42
N VAL B 162 -16.67 -2.42 3.02
CA VAL B 162 -17.95 -2.08 3.70
C VAL B 162 -18.94 -3.25 3.54
N MET B 163 -18.97 -3.85 2.35
CA MET B 163 -19.88 -4.98 2.07
C MET B 163 -19.49 -6.15 2.98
N ALA B 164 -18.20 -6.43 3.06
CA ALA B 164 -17.67 -7.46 4.00
C ALA B 164 -18.11 -7.21 5.47
N LEU B 165 -18.01 -5.96 5.90
CA LEU B 165 -18.36 -5.57 7.26
C LEU B 165 -19.86 -5.85 7.49
N GLU B 166 -20.70 -5.36 6.58
CA GLU B 166 -22.17 -5.38 6.80
C GLU B 166 -22.77 -6.73 6.49
N LEU B 167 -22.14 -7.51 5.61
CA LEU B 167 -22.72 -8.79 5.23
C LEU B 167 -22.13 -9.96 6.04
N GLY B 168 -21.01 -9.71 6.72
CA GLY B 168 -20.36 -10.74 7.55
C GLY B 168 -21.32 -11.42 8.56
N PRO B 169 -22.10 -10.62 9.30
CA PRO B 169 -23.12 -11.18 10.24
C PRO B 169 -24.17 -12.08 9.57
N HIS B 170 -24.34 -11.94 8.25
CA HIS B 170 -25.20 -12.83 7.43
C HIS B 170 -24.47 -13.95 6.72
N LYS B 171 -23.24 -14.19 7.17
CA LYS B 171 -22.38 -15.24 6.64
C LYS B 171 -22.18 -15.14 5.12
N ILE B 172 -22.04 -13.91 4.65
CA ILE B 172 -21.78 -13.65 3.23
C ILE B 172 -20.38 -13.04 3.12
N ARG B 173 -19.45 -13.74 2.47
CA ARG B 173 -18.08 -13.18 2.38
C ARG B 173 -17.99 -12.35 1.10
N VAL B 174 -17.17 -11.28 1.15
CA VAL B 174 -17.08 -10.35 -0.01
C VAL B 174 -15.60 -10.08 -0.20
N ASN B 175 -15.06 -10.43 -1.38
CA ASN B 175 -13.64 -10.27 -1.64
C ASN B 175 -13.44 -9.69 -3.04
N ALA B 176 -12.30 -9.03 -3.24
CA ALA B 176 -11.87 -8.57 -4.56
C ALA B 176 -10.60 -9.30 -5.04
N VAL B 177 -10.53 -9.47 -6.36
CA VAL B 177 -9.31 -9.97 -7.02
CA VAL B 177 -9.31 -9.96 -7.02
C VAL B 177 -8.77 -8.80 -7.85
N ASN B 178 -7.44 -8.69 -7.94
CA ASN B 178 -6.81 -7.50 -8.47
C ASN B 178 -5.76 -7.90 -9.50
N PRO B 179 -6.22 -8.19 -10.74
CA PRO B 179 -5.27 -8.65 -11.76
C PRO B 179 -4.48 -7.50 -12.35
N THR B 180 -3.25 -7.81 -12.82
CA THR B 180 -2.49 -6.92 -13.72
C THR B 180 -3.18 -6.94 -15.10
N VAL B 181 -2.53 -6.35 -16.11
CA VAL B 181 -2.95 -6.58 -17.51
C VAL B 181 -3.21 -8.06 -17.82
N VAL B 182 -4.38 -8.29 -18.41
CA VAL B 182 -4.75 -9.60 -18.92
C VAL B 182 -4.99 -9.32 -20.41
N MET B 183 -4.29 -10.04 -21.27
CA MET B 183 -4.51 -9.82 -22.68
C MET B 183 -5.90 -10.38 -23.07
N THR B 184 -6.85 -9.45 -23.06
CA THR B 184 -8.23 -9.61 -23.49
C THR B 184 -8.45 -8.34 -24.30
N SER B 185 -9.69 -8.10 -24.77
CA SER B 185 -10.02 -6.88 -25.53
C SER B 185 -9.64 -5.60 -24.80
N MET B 186 -9.97 -5.54 -23.50
CA MET B 186 -9.57 -4.43 -22.64
C MET B 186 -8.05 -4.34 -22.51
N GLY B 187 -7.42 -5.43 -22.05
CA GLY B 187 -5.96 -5.47 -21.87
C GLY B 187 -5.15 -5.14 -23.10
N GLN B 188 -5.53 -5.71 -24.24
CA GLN B 188 -4.78 -5.48 -25.48
C GLN B 188 -5.40 -4.39 -26.37
N ALA B 189 -6.11 -3.45 -25.75
CA ALA B 189 -6.48 -2.20 -26.43
C ALA B 189 -5.29 -1.25 -26.36
N THR B 190 -4.81 -0.99 -25.14
CA THR B 190 -3.80 0.03 -24.91
C THR B 190 -2.41 -0.51 -24.54
N TRP B 191 -2.37 -1.75 -24.04
CA TRP B 191 -1.10 -2.42 -23.70
C TRP B 191 -0.61 -3.28 -24.87
N SER B 192 -1.22 -3.06 -26.03
CA SER B 192 -0.85 -3.75 -27.27
C SER B 192 0.47 -3.23 -27.86
N ASP B 193 0.82 -1.98 -27.53
CA ASP B 193 2.13 -1.42 -27.87
C ASP B 193 3.22 -2.13 -27.05
N PRO B 194 4.14 -2.84 -27.74
CA PRO B 194 5.20 -3.66 -27.11
C PRO B 194 6.17 -2.93 -26.18
N HIS B 195 6.18 -1.60 -26.22
CA HIS B 195 7.01 -0.82 -25.29
C HIS B 195 6.20 -0.09 -24.21
N LYS B 196 4.91 0.13 -24.46
CA LYS B 196 4.00 0.62 -23.43
C LYS B 196 3.85 -0.49 -22.40
N ALA B 197 3.70 -1.71 -22.90
CA ALA B 197 3.65 -2.90 -22.06
C ALA B 197 5.04 -3.24 -21.49
N LYS B 198 6.10 -2.78 -22.16
CA LYS B 198 7.45 -3.11 -21.74
C LYS B 198 7.80 -2.50 -20.39
N THR B 199 7.43 -1.23 -20.16
CA THR B 199 7.76 -0.56 -18.91
C THR B 199 7.04 -1.26 -17.73
N MET B 200 5.78 -1.62 -17.94
CA MET B 200 5.06 -2.37 -16.90
C MET B 200 5.62 -3.77 -16.63
N LEU B 201 5.92 -4.50 -17.71
CA LEU B 201 6.49 -5.85 -17.63
C LEU B 201 7.80 -5.90 -16.76
N ASN B 202 8.64 -4.88 -16.91
CA ASN B 202 9.89 -4.72 -16.17
C ASN B 202 9.60 -4.54 -14.68
N ARG B 203 8.40 -4.07 -14.35
CA ARG B 203 7.96 -3.93 -12.94
C ARG B 203 7.26 -5.15 -12.33
N ILE B 204 7.15 -6.22 -13.11
CA ILE B 204 6.49 -7.44 -12.68
C ILE B 204 7.58 -8.50 -12.45
N PRO B 205 7.86 -8.85 -11.17
CA PRO B 205 8.82 -9.91 -10.80
C PRO B 205 8.69 -11.24 -11.56
N LEU B 206 7.45 -11.65 -11.83
CA LEU B 206 7.22 -12.88 -12.63
C LEU B 206 7.38 -12.65 -14.15
N GLY B 207 7.56 -11.40 -14.56
CA GLY B 207 8.04 -11.05 -15.92
C GLY B 207 7.02 -11.32 -17.00
N LYS B 208 5.73 -11.35 -16.65
CA LYS B 208 4.64 -11.65 -17.61
C LYS B 208 3.31 -11.05 -17.14
N PHE B 209 2.39 -10.85 -18.09
CA PHE B 209 1.00 -10.52 -17.76
C PHE B 209 0.21 -11.76 -17.36
N ALA B 210 -0.93 -11.55 -16.71
CA ALA B 210 -1.82 -12.61 -16.25
C ALA B 210 -2.62 -13.21 -17.40
N GLU B 211 -2.80 -14.52 -17.34
CA GLU B 211 -3.73 -15.25 -18.19
C GLU B 211 -5.12 -15.23 -17.51
N VAL B 212 -6.18 -15.35 -18.32
CA VAL B 212 -7.53 -15.50 -17.79
C VAL B 212 -7.60 -16.61 -16.71
N GLU B 213 -6.90 -17.73 -16.93
CA GLU B 213 -6.96 -18.86 -16.00
C GLU B 213 -6.49 -18.48 -14.59
N HIS B 214 -5.45 -17.64 -14.53
CA HIS B 214 -4.92 -17.15 -13.22
C HIS B 214 -5.99 -16.43 -12.37
N VAL B 215 -6.73 -15.55 -13.05
CA VAL B 215 -7.77 -14.79 -12.42
C VAL B 215 -8.93 -15.72 -12.01
N VAL B 216 -9.34 -16.62 -12.92
CA VAL B 216 -10.48 -17.56 -12.64
C VAL B 216 -10.14 -18.44 -11.40
N ASN B 217 -8.89 -18.91 -11.34
CA ASN B 217 -8.46 -19.73 -10.20
C ASN B 217 -8.64 -18.99 -8.87
N ALA B 218 -8.21 -17.72 -8.83
CA ALA B 218 -8.33 -16.88 -7.62
C ALA B 218 -9.80 -16.64 -7.28
N ILE B 219 -10.60 -16.32 -8.33
CA ILE B 219 -12.09 -16.17 -8.15
C ILE B 219 -12.73 -17.43 -7.48
N LEU B 220 -12.46 -18.60 -8.07
CA LEU B 220 -13.01 -19.86 -7.60
C LEU B 220 -12.56 -20.19 -6.16
N PHE B 221 -11.31 -19.92 -5.84
CA PHE B 221 -10.86 -20.08 -4.44
C PHE B 221 -11.67 -19.15 -3.48
N LEU B 222 -11.88 -17.89 -3.88
CA LEU B 222 -12.53 -16.90 -3.02
C LEU B 222 -14.05 -17.13 -2.93
N LEU B 223 -14.63 -17.76 -3.96
CA LEU B 223 -16.03 -18.20 -3.88
C LEU B 223 -16.22 -19.40 -2.96
N SER B 224 -15.22 -20.28 -2.88
CA SER B 224 -15.40 -21.56 -2.14
C SER B 224 -15.25 -21.37 -0.65
N ASP B 225 -15.77 -22.35 0.11
CA ASP B 225 -15.56 -22.45 1.55
C ASP B 225 -14.09 -22.66 1.95
N ARG B 226 -13.22 -23.00 1.00
CA ARG B 226 -11.75 -23.02 1.29
C ARG B 226 -11.13 -21.67 1.77
N SER B 227 -11.83 -20.56 1.51
CA SER B 227 -11.36 -19.23 1.84
C SER B 227 -12.27 -18.64 2.92
N GLY B 228 -12.77 -19.54 3.77
CA GLY B 228 -13.79 -19.26 4.77
C GLY B 228 -13.51 -18.23 5.84
N MET B 229 -12.27 -17.74 6.01
CA MET B 229 -12.01 -16.64 6.95
C MET B 229 -11.39 -15.48 6.22
N THR B 230 -11.57 -15.49 4.91
CA THR B 230 -11.10 -14.37 4.12
C THR B 230 -12.32 -13.58 3.65
N THR B 231 -12.36 -12.33 4.08
CA THR B 231 -13.38 -11.40 3.63
C THR B 231 -12.85 -10.00 3.74
N GLY B 232 -13.30 -9.13 2.82
CA GLY B 232 -12.85 -7.72 2.81
C GLY B 232 -11.47 -7.54 2.17
N SER B 233 -10.98 -8.57 1.51
CA SER B 233 -9.56 -8.59 1.03
C SER B 233 -9.41 -8.14 -0.44
N THR B 234 -8.17 -7.94 -0.86
CA THR B 234 -7.88 -7.58 -2.23
C THR B 234 -6.74 -8.48 -2.65
N LEU B 235 -7.08 -9.60 -3.27
CA LEU B 235 -6.13 -10.65 -3.64
C LEU B 235 -5.43 -10.30 -4.96
N PRO B 236 -4.11 -9.95 -4.90
CA PRO B 236 -3.41 -9.56 -6.17
C PRO B 236 -3.14 -10.73 -7.11
N VAL B 237 -3.43 -10.52 -8.40
CA VAL B 237 -3.08 -11.45 -9.46
C VAL B 237 -2.28 -10.62 -10.51
N GLU B 238 -1.17 -10.06 -10.03
CA GLU B 238 -0.37 -9.06 -10.78
C GLU B 238 1.14 -9.37 -10.90
N GLY B 239 1.51 -10.64 -10.70
CA GLY B 239 2.91 -11.12 -10.77
C GLY B 239 3.91 -10.44 -9.87
N GLY B 240 3.42 -9.81 -8.80
CA GLY B 240 4.28 -9.09 -7.89
C GLY B 240 4.39 -7.59 -8.12
N PHE B 241 3.58 -7.04 -9.04
CA PHE B 241 3.70 -5.61 -9.38
C PHE B 241 3.59 -4.73 -8.12
N TRP B 242 2.65 -5.05 -7.21
CA TRP B 242 2.44 -4.20 -6.02
C TRP B 242 3.63 -4.23 -5.05
N ALA B 243 4.39 -5.31 -5.11
CA ALA B 243 5.43 -5.57 -4.13
C ALA B 243 6.66 -4.68 -4.37
N CYS B 244 6.85 -4.15 -5.58
CA CYS B 244 8.13 -3.47 -5.82
C CYS B 244 8.06 -2.05 -6.42
PA NAP C . 24.12 9.01 6.26
O1A NAP C . 24.79 7.72 6.18
O2A NAP C . 24.44 10.22 5.44
O5B NAP C . 23.84 9.37 7.81
C5B NAP C . 23.49 8.33 8.77
C4B NAP C . 24.02 8.85 10.09
O4B NAP C . 23.65 7.85 11.10
C3B NAP C . 25.54 8.95 10.07
O3B NAP C . 25.98 10.10 10.80
C2B NAP C . 25.90 7.64 10.77
O2B NAP C . 27.22 7.64 11.37
C1B NAP C . 24.77 7.54 11.84
N9A NAP C . 24.82 6.15 12.34
C8A NAP C . 24.74 4.98 11.61
N7A NAP C . 24.89 3.92 12.39
C5A NAP C . 25.08 4.42 13.60
C6A NAP C . 25.32 3.72 14.82
N6A NAP C . 25.40 2.40 14.96
N1A NAP C . 25.46 4.51 15.91
C2A NAP C . 25.46 5.87 15.92
N3A NAP C . 25.25 6.53 14.77
C4A NAP C . 25.07 5.83 13.59
O3 NAP C . 22.59 8.59 5.96
PN NAP C . 21.24 9.40 5.56
O1N NAP C . 21.10 9.28 4.07
O2N NAP C . 21.29 10.74 6.22
O5D NAP C . 20.15 8.50 6.36
C5D NAP C . 19.30 9.03 7.39
C4D NAP C . 18.02 8.23 7.56
O4D NAP C . 17.33 8.28 6.29
C3D NAP C . 18.12 6.73 7.91
O3D NAP C . 17.20 6.29 8.91
C2D NAP C . 18.12 6.08 6.54
O2D NAP C . 17.77 4.71 6.71
C1D NAP C . 17.01 6.94 5.87
N1N NAP C . 16.87 6.93 4.39
C2N NAP C . 18.00 7.22 3.58
C3N NAP C . 17.81 7.20 2.19
C7N NAP C . 18.92 7.48 1.17
O7N NAP C . 19.11 6.63 0.28
N7N NAP C . 19.59 8.62 1.28
C4N NAP C . 16.53 6.92 1.68
C5N NAP C . 15.39 6.64 2.42
C6N NAP C . 15.58 6.65 3.78
P2B NAP C . 28.58 7.12 10.62
O1X NAP C . 28.52 7.71 9.27
O2X NAP C . 29.52 7.77 11.57
O3X NAP C . 28.42 5.69 10.72
PA NAP D . -13.37 -7.58 -21.60
O1A NAP D . -13.53 -6.22 -22.11
O2A NAP D . -12.56 -8.67 -22.18
O5B NAP D . -14.76 -8.16 -21.01
C5B NAP D . -15.63 -7.28 -20.23
C4B NAP D . -16.97 -8.00 -20.29
O4B NAP D . -17.88 -7.26 -19.43
C3B NAP D . -17.54 -7.94 -21.71
O3B NAP D . -18.22 -9.16 -22.04
C2B NAP D . -18.51 -6.76 -21.66
O2B NAP D . -19.53 -6.84 -22.65
C1B NAP D . -19.02 -6.87 -20.18
N9A NAP D . -19.63 -5.55 -19.86
C8A NAP D . -19.06 -4.35 -19.86
N7A NAP D . -19.93 -3.42 -19.58
C5A NAP D . -21.10 -4.04 -19.38
C6A NAP D . -22.38 -3.48 -19.06
N6A NAP D . -22.58 -2.17 -18.88
N1A NAP D . -23.41 -4.36 -18.93
C2A NAP D . -23.25 -5.71 -19.14
N3A NAP D . -22.04 -6.23 -19.48
C4A NAP D . -20.94 -5.40 -19.59
O3 NAP D . -12.70 -7.23 -20.15
PN NAP D . -11.81 -8.15 -19.16
O1N NAP D . -10.37 -7.88 -19.46
O2N NAP D . -12.20 -9.59 -19.14
O5D NAP D . -12.30 -7.43 -17.79
C5D NAP D . -12.81 -8.18 -16.66
C4D NAP D . -12.66 -7.48 -15.29
O4D NAP D . -11.23 -7.44 -14.99
C3D NAP D . -13.10 -6.02 -15.11
O3D NAP D . -13.75 -5.85 -13.85
C2D NAP D . -11.83 -5.26 -15.50
O2D NAP D . -11.77 -3.90 -15.05
C1D NAP D . -10.83 -6.11 -14.68
N1N NAP D . -9.42 -5.89 -15.03
C2N NAP D . -9.01 -6.17 -16.36
C3N NAP D . -7.68 -5.98 -16.71
C7N NAP D . -7.15 -6.23 -18.11
O7N NAP D . -6.16 -5.56 -18.50
N7N NAP D . -7.80 -7.15 -18.83
C4N NAP D . -6.79 -5.51 -15.70
C5N NAP D . -7.11 -5.22 -14.38
C6N NAP D . -8.44 -5.42 -14.06
P2B NAP D . -19.37 -6.07 -24.05
O1X NAP D . -17.99 -6.47 -24.50
O2X NAP D . -20.52 -6.61 -24.80
O3X NAP D . -19.41 -4.61 -23.76
P PO4 E . -3.72 -2.30 -15.04
O1 PO4 E . -4.65 -1.57 -15.98
O2 PO4 E . -3.48 -1.46 -13.81
O3 PO4 E . -2.39 -2.53 -15.73
O4 PO4 E . -4.29 -3.64 -14.65
#